data_2YAK
#
_entry.id   2YAK
#
_cell.length_a   50.300
_cell.length_b   77.800
_cell.length_c   111.300
_cell.angle_alpha   90.00
_cell.angle_beta   90.00
_cell.angle_gamma   90.00
#
_symmetry.space_group_name_H-M   'P 21 21 21'
#
loop_
_entity.id
_entity.type
_entity.pdbx_description
1 polymer 'DEATH-ASSOCIATED PROTEIN KINASE 1'
2 non-polymer 'RUTHENIUM OCTASPORINE 4'
3 water water
#
_entity_poly.entity_id   1
_entity_poly.type   'polypeptide(L)'
_entity_poly.pdbx_seq_one_letter_code
;MTVFRQENVDDYYDTGEELGSGQFAVVKKCREKSTGLQYAAKFIKKRRTKSSRRGVSREDIEREVSILKEIQHPNVITLH
EVYENKTDVILILELVAGGELFDFLAEKESLTEEEATEFLKQILNGVYYLHSLQIAHFDLKPENIMLLDRNVPKPRIKII
DFGLAHKIDFGNEFKNIFGTPEFVAPEIVNYEPLGLEADMWSIGVITYILLSGASPFLGDTKQETLANVSAVNYEFEDEY
FSNTSALAKDFIRRLLVKDPKKRMTIQDSLQHPWIKPKDTQQALS
;
_entity_poly.pdbx_strand_id   A
#
loop_
_chem_comp.id
_chem_comp.type
_chem_comp.name
_chem_comp.formula
OSV non-polymer 'RUTHENIUM OCTASPORINE 4' 'C27 H31 F N4 O3 Ru S4'
#
# COMPACT_ATOMS: atom_id res chain seq x y z
N THR A 2 19.38 -10.89 -7.95
CA THR A 2 19.82 -10.77 -9.37
C THR A 2 19.39 -11.99 -10.21
N VAL A 3 19.94 -12.13 -11.42
CA VAL A 3 19.80 -13.39 -12.18
C VAL A 3 18.30 -13.70 -12.46
N PHE A 4 17.67 -12.73 -13.14
CA PHE A 4 16.28 -12.81 -13.61
C PHE A 4 16.21 -13.48 -15.00
N ARG A 5 15.01 -13.72 -15.49
CA ARG A 5 14.83 -14.41 -16.76
C ARG A 5 15.23 -13.56 -17.95
N GLN A 6 16.11 -14.12 -18.77
CA GLN A 6 16.68 -13.41 -19.91
C GLN A 6 15.97 -13.62 -21.24
N GLU A 7 14.94 -14.45 -21.32
CA GLU A 7 14.20 -14.55 -22.57
C GLU A 7 13.39 -13.29 -22.84
N ASN A 8 12.93 -13.18 -24.07
CA ASN A 8 12.07 -12.12 -24.49
C ASN A 8 10.64 -12.41 -23.99
N VAL A 9 10.07 -11.45 -23.28
CA VAL A 9 8.82 -11.68 -22.62
C VAL A 9 7.70 -11.93 -23.65
N ASP A 10 7.88 -11.38 -24.85
CA ASP A 10 6.93 -11.52 -25.98
C ASP A 10 6.84 -12.93 -26.54
N ASP A 11 7.83 -13.78 -26.27
CA ASP A 11 7.79 -15.20 -26.63
C ASP A 11 6.84 -15.99 -25.70
N TYR A 12 6.59 -15.47 -24.49
CA TYR A 12 5.78 -16.18 -23.49
C TYR A 12 4.40 -15.54 -23.21
N TYR A 13 4.27 -14.25 -23.52
CA TYR A 13 3.08 -13.50 -23.21
C TYR A 13 2.68 -12.65 -24.39
N ASP A 14 1.36 -12.52 -24.59
CA ASP A 14 0.82 -11.47 -25.49
C ASP A 14 0.44 -10.29 -24.59
N THR A 15 0.95 -9.12 -24.90
CA THR A 15 0.66 -7.92 -24.11
C THR A 15 -0.33 -7.06 -24.87
N GLY A 16 -1.13 -6.32 -24.14
CA GLY A 16 -2.14 -5.50 -24.75
C GLY A 16 -2.05 -4.10 -24.24
N GLU A 17 -3.16 -3.67 -23.65
CA GLU A 17 -3.47 -2.25 -23.40
C GLU A 17 -2.80 -1.74 -22.12
N GLU A 18 -2.34 -0.50 -22.15
CA GLU A 18 -1.89 0.21 -20.96
C GLU A 18 -2.97 0.33 -19.84
N LEU A 19 -2.69 -0.24 -18.67
CA LEU A 19 -3.61 -0.15 -17.52
C LEU A 19 -3.26 1.11 -16.71
N GLY A 20 -1.98 1.45 -16.65
CA GLY A 20 -1.57 2.69 -16.02
C GLY A 20 -0.09 2.97 -16.23
N SER A 21 0.37 4.10 -15.74
CA SER A 21 1.74 4.49 -15.86
C SER A 21 2.17 5.40 -14.69
N GLY A 22 3.48 5.59 -14.58
CA GLY A 22 4.05 6.40 -13.52
C GLY A 22 5.41 6.87 -13.94
N GLN A 23 6.19 7.39 -13.00
CA GLN A 23 7.38 8.14 -13.37
C GLN A 23 8.34 7.26 -14.17
N PHE A 24 8.62 6.08 -13.62
CA PHE A 24 9.51 5.11 -14.29
C PHE A 24 8.88 3.76 -14.67
N ALA A 25 7.55 3.72 -14.75
CA ALA A 25 6.91 2.47 -15.03
C ALA A 25 5.65 2.58 -15.90
N VAL A 26 5.33 1.50 -16.60
CA VAL A 26 4.00 1.28 -17.16
C VAL A 26 3.57 -0.15 -16.85
N VAL A 27 2.25 -0.33 -16.64
CA VAL A 27 1.59 -1.59 -16.39
C VAL A 27 0.62 -1.80 -17.57
N LYS A 28 0.75 -2.98 -18.18
CA LYS A 28 -0.07 -3.44 -19.30
C LYS A 28 -0.71 -4.78 -18.94
N LYS A 29 -1.89 -5.08 -19.47
CA LYS A 29 -2.55 -6.40 -19.35
C LYS A 29 -1.78 -7.31 -20.28
N CYS A 30 -1.62 -8.56 -19.85
CA CYS A 30 -1.04 -9.59 -20.67
C CYS A 30 -1.69 -10.94 -20.47
N ARG A 31 -1.44 -11.83 -21.45
CA ARG A 31 -2.03 -13.17 -21.47
C ARG A 31 -0.88 -14.19 -21.66
N GLU A 32 -0.72 -15.13 -20.72
CA GLU A 32 0.35 -16.15 -20.79
C GLU A 32 -0.06 -17.15 -21.90
N LYS A 33 0.82 -17.34 -22.86
CA LYS A 33 0.49 -18.19 -23.99
C LYS A 33 0.24 -19.63 -23.59
N SER A 34 1.00 -20.22 -22.66
CA SER A 34 0.83 -21.68 -22.31
C SER A 34 -0.42 -22.03 -21.57
N THR A 35 -0.96 -21.10 -20.80
CA THR A 35 -2.04 -21.35 -19.92
C THR A 35 -3.33 -20.63 -20.31
N GLY A 36 -3.24 -19.50 -21.00
CA GLY A 36 -4.40 -18.64 -21.28
C GLY A 36 -4.78 -17.70 -20.14
N LEU A 37 -3.98 -17.67 -19.09
CA LEU A 37 -4.36 -16.82 -17.98
C LEU A 37 -3.82 -15.42 -18.18
N GLN A 38 -4.58 -14.46 -17.69
CA GLN A 38 -4.20 -13.08 -17.67
C GLN A 38 -3.51 -12.64 -16.38
N TYR A 39 -2.55 -11.75 -16.58
CA TYR A 39 -1.70 -11.18 -15.55
C TYR A 39 -1.56 -9.71 -15.85
N ALA A 40 -0.88 -8.95 -14.99
CA ALA A 40 -0.46 -7.60 -15.29
C ALA A 40 1.07 -7.63 -15.48
N ALA A 41 1.57 -6.89 -16.46
CA ALA A 41 2.99 -6.74 -16.77
C ALA A 41 3.47 -5.31 -16.43
N LYS A 42 4.33 -5.18 -15.41
CA LYS A 42 4.93 -3.92 -15.02
C LYS A 42 6.35 -3.80 -15.58
N PHE A 43 6.52 -2.84 -16.49
CA PHE A 43 7.79 -2.51 -17.14
C PHE A 43 8.46 -1.34 -16.42
N ILE A 44 9.54 -1.66 -15.69
CA ILE A 44 10.33 -0.73 -14.88
C ILE A 44 11.60 -0.36 -15.67
N LYS A 45 11.80 0.92 -15.91
CA LYS A 45 12.94 1.41 -16.64
C LYS A 45 14.19 1.36 -15.73
N LYS A 46 15.23 0.72 -16.18
CA LYS A 46 16.50 0.70 -15.48
C LYS A 46 17.22 2.05 -15.55
N ARG A 47 17.82 2.44 -14.46
CA ARG A 47 18.73 3.55 -14.49
C ARG A 47 19.98 2.84 -15.07
N ARG A 48 20.45 3.28 -16.19
CA ARG A 48 21.48 2.43 -16.81
C ARG A 48 22.91 2.91 -16.46
N THR A 49 23.01 4.19 -16.11
CA THR A 49 24.19 4.80 -15.57
C THR A 49 23.92 5.26 -14.16
N LYS A 50 24.95 5.15 -13.33
CA LYS A 50 24.85 5.38 -11.88
C LYS A 50 24.47 6.85 -11.67
N SER A 51 24.95 7.72 -12.56
CA SER A 51 24.75 9.16 -12.42
C SER A 51 23.39 9.63 -12.94
N SER A 52 22.71 8.78 -13.70
CA SER A 52 21.41 9.14 -14.26
C SER A 52 20.27 9.16 -13.24
N ARG A 53 19.38 10.11 -13.42
CA ARG A 53 18.24 10.31 -12.55
C ARG A 53 16.95 9.81 -13.24
N ARG A 54 17.08 9.39 -14.49
CA ARG A 54 16.06 8.56 -15.10
C ARG A 54 16.23 7.12 -14.60
N GLY A 55 15.15 6.33 -14.63
CA GLY A 55 15.23 4.92 -14.25
C GLY A 55 15.47 4.59 -12.79
N VAL A 56 15.37 3.30 -12.49
CA VAL A 56 15.37 2.80 -11.12
C VAL A 56 16.67 2.02 -10.89
N SER A 57 17.33 2.27 -9.77
CA SER A 57 18.55 1.53 -9.46
C SER A 57 18.27 0.05 -9.34
N ARG A 58 19.30 -0.76 -9.62
CA ARG A 58 19.19 -2.18 -9.46
C ARG A 58 19.01 -2.62 -8.01
N GLU A 59 19.72 -1.95 -7.08
CA GLU A 59 19.51 -2.19 -5.66
C GLU A 59 18.02 -2.06 -5.25
N ASP A 60 17.31 -1.06 -5.75
CA ASP A 60 15.91 -0.87 -5.38
C ASP A 60 14.99 -1.91 -6.03
N ILE A 61 15.23 -2.24 -7.28
CA ILE A 61 14.45 -3.28 -7.95
C ILE A 61 14.70 -4.64 -7.27
N GLU A 62 15.95 -4.96 -6.96
CA GLU A 62 16.29 -6.26 -6.33
C GLU A 62 15.65 -6.39 -4.95
N ARG A 63 15.64 -5.31 -4.20
CA ARG A 63 14.98 -5.33 -2.92
C ARG A 63 13.49 -5.59 -3.06
N GLU A 64 12.82 -4.92 -3.99
CA GLU A 64 11.40 -5.12 -4.14
C GLU A 64 11.09 -6.54 -4.56
N VAL A 65 11.86 -7.03 -5.53
CA VAL A 65 11.59 -8.35 -6.08
C VAL A 65 11.81 -9.33 -4.99
N SER A 66 12.92 -9.23 -4.26
CA SER A 66 13.21 -10.21 -3.21
C SER A 66 12.19 -10.22 -2.01
N ILE A 67 11.57 -9.11 -1.68
CA ILE A 67 10.42 -9.16 -0.79
C ILE A 67 9.14 -9.80 -1.44
N LEU A 68 8.79 -9.41 -2.65
CA LEU A 68 7.59 -9.97 -3.27
C LEU A 68 7.64 -11.48 -3.42
N LYS A 69 8.81 -12.03 -3.73
CA LYS A 69 9.03 -13.47 -3.82
C LYS A 69 8.73 -14.22 -2.51
N GLU A 70 8.89 -13.56 -1.34
CA GLU A 70 8.51 -14.17 -0.04
C GLU A 70 6.98 -14.20 0.23
N ILE A 71 6.22 -13.31 -0.38
CA ILE A 71 4.90 -13.14 0.14
C ILE A 71 3.93 -14.04 -0.65
N GLN A 72 3.08 -14.72 0.11
CA GLN A 72 1.99 -15.51 -0.42
C GLN A 72 0.80 -15.36 0.58
N HIS A 73 -0.12 -14.48 0.28
CA HIS A 73 -1.31 -14.27 1.10
C HIS A 73 -2.49 -13.73 0.27
N PRO A 74 -3.70 -14.18 0.55
CA PRO A 74 -4.81 -13.67 -0.24
C PRO A 74 -5.01 -12.15 -0.39
N ASN A 75 -4.47 -11.33 0.52
CA ASN A 75 -4.72 -9.90 0.53
C ASN A 75 -3.51 -9.07 0.16
N VAL A 76 -2.46 -9.74 -0.32
CA VAL A 76 -1.30 -9.07 -0.88
C VAL A 76 -1.07 -9.59 -2.32
N ILE A 77 -0.65 -8.71 -3.21
CA ILE A 77 -0.42 -9.03 -4.59
C ILE A 77 0.66 -10.09 -4.71
N THR A 78 0.43 -11.05 -5.60
CA THR A 78 1.43 -12.07 -5.86
C THR A 78 2.22 -11.83 -7.18
N LEU A 79 3.51 -12.10 -7.11
CA LEU A 79 4.41 -11.92 -8.21
C LEU A 79 4.55 -13.26 -8.91
N HIS A 80 4.45 -13.28 -10.25
CA HIS A 80 4.43 -14.56 -10.94
C HIS A 80 5.80 -14.92 -11.58
N GLU A 81 6.43 -13.96 -12.27
CA GLU A 81 7.72 -14.14 -12.89
C GLU A 81 8.37 -12.78 -13.06
N VAL A 82 9.69 -12.78 -13.28
CA VAL A 82 10.43 -11.55 -13.56
C VAL A 82 11.32 -11.75 -14.80
N TYR A 83 11.27 -10.80 -15.73
CA TYR A 83 12.08 -10.85 -16.95
C TYR A 83 12.99 -9.62 -16.92
N GLU A 84 14.02 -9.59 -17.75
CA GLU A 84 14.79 -8.39 -17.92
C GLU A 84 15.38 -8.35 -19.32
N ASN A 85 15.37 -7.16 -19.93
CA ASN A 85 16.12 -6.91 -21.15
C ASN A 85 17.13 -5.73 -20.95
N LYS A 86 17.69 -5.17 -22.03
CA LYS A 86 18.76 -4.19 -21.89
C LYS A 86 18.27 -2.88 -21.22
N THR A 87 17.00 -2.55 -21.36
CA THR A 87 16.46 -1.35 -20.74
C THR A 87 15.44 -1.53 -19.57
N ASP A 88 14.85 -2.69 -19.36
CA ASP A 88 13.68 -2.83 -18.44
C ASP A 88 13.73 -4.09 -17.61
N VAL A 89 13.16 -4.04 -16.42
CA VAL A 89 12.85 -5.23 -15.65
C VAL A 89 11.32 -5.33 -15.71
N ILE A 90 10.82 -6.53 -16.00
CA ILE A 90 9.44 -6.73 -16.32
C ILE A 90 8.85 -7.67 -15.26
N LEU A 91 7.96 -7.15 -14.44
CA LEU A 91 7.37 -7.98 -13.39
C LEU A 91 6.02 -8.51 -13.92
N ILE A 92 5.80 -9.81 -13.87
CA ILE A 92 4.47 -10.40 -14.21
C ILE A 92 3.73 -10.57 -12.89
N LEU A 93 2.69 -9.79 -12.72
CA LEU A 93 1.93 -9.81 -11.48
C LEU A 93 0.49 -10.27 -11.68
N GLU A 94 -0.07 -10.76 -10.59
CA GLU A 94 -1.51 -11.05 -10.48
C GLU A 94 -2.26 -9.79 -10.94
N LEU A 95 -3.29 -10.00 -11.75
CA LEU A 95 -4.12 -8.93 -12.32
C LEU A 95 -5.14 -8.55 -11.30
N VAL A 96 -5.19 -7.27 -10.93
CA VAL A 96 -6.36 -6.72 -10.20
C VAL A 96 -7.24 -5.89 -11.18
N ALA A 97 -8.49 -6.31 -11.41
CA ALA A 97 -9.35 -5.64 -12.42
C ALA A 97 -10.46 -4.77 -11.80
N GLY A 98 -10.59 -4.76 -10.48
CA GLY A 98 -11.60 -3.95 -9.81
C GLY A 98 -11.28 -2.49 -9.54
N GLY A 99 -10.06 -2.07 -9.79
CA GLY A 99 -9.63 -0.68 -9.53
C GLY A 99 -9.42 -0.38 -8.03
N GLU A 100 -9.26 0.91 -7.73
CA GLU A 100 -8.94 1.37 -6.38
C GLU A 100 -10.17 1.18 -5.49
N LEU A 101 -9.97 0.67 -4.28
CA LEU A 101 -11.10 0.47 -3.36
C LEU A 101 -12.00 1.73 -3.19
N PHE A 102 -11.42 2.90 -3.04
CA PHE A 102 -12.22 4.08 -2.71
C PHE A 102 -13.01 4.61 -3.89
N ASP A 103 -12.59 4.29 -5.11
CA ASP A 103 -13.39 4.62 -6.29
C ASP A 103 -14.61 3.72 -6.34
N PHE A 104 -14.42 2.44 -6.14
CA PHE A 104 -15.57 1.55 -5.98
C PHE A 104 -16.54 2.01 -4.87
N LEU A 105 -16.04 2.44 -3.72
CA LEU A 105 -16.95 2.80 -2.61
C LEU A 105 -17.64 4.14 -2.87
N ALA A 106 -16.99 5.04 -3.61
CA ALA A 106 -17.56 6.36 -3.84
C ALA A 106 -18.76 6.32 -4.81
N GLU A 107 -19.04 5.14 -5.37
CA GLU A 107 -20.12 4.96 -6.36
C GLU A 107 -21.38 4.32 -5.74
N LYS A 108 -21.27 3.79 -4.52
CA LYS A 108 -22.37 3.08 -3.86
C LYS A 108 -23.25 4.08 -3.12
N GLU A 109 -24.34 3.60 -2.53
CA GLU A 109 -25.21 4.44 -1.71
C GLU A 109 -24.48 4.82 -0.42
N SER A 110 -25.11 4.55 0.73
CA SER A 110 -24.60 5.12 1.99
C SER A 110 -23.24 4.58 2.45
N LEU A 111 -23.16 3.25 2.62
CA LEU A 111 -22.05 2.54 3.31
C LEU A 111 -22.09 2.68 4.86
N THR A 112 -22.62 1.67 5.54
CA THR A 112 -22.63 1.67 7.00
C THR A 112 -21.20 1.42 7.53
N GLU A 113 -21.03 1.70 8.80
CA GLU A 113 -19.76 1.53 9.48
C GLU A 113 -19.33 0.07 9.42
N GLU A 114 -20.33 -0.80 9.55
CA GLU A 114 -20.21 -2.24 9.58
C GLU A 114 -19.64 -2.71 8.26
N GLU A 115 -20.32 -2.35 7.19
CA GLU A 115 -19.84 -2.57 5.84
C GLU A 115 -18.39 -2.09 5.65
N ALA A 116 -18.10 -0.86 6.07
CA ALA A 116 -16.78 -0.28 5.95
C ALA A 116 -15.73 -1.10 6.70
N THR A 117 -16.05 -1.65 7.87
CA THR A 117 -15.01 -2.33 8.65
C THR A 117 -14.76 -3.68 8.08
N GLU A 118 -15.73 -4.22 7.35
CA GLU A 118 -15.48 -5.44 6.60
C GLU A 118 -14.38 -5.26 5.53
N PHE A 119 -14.32 -4.14 4.83
CA PHE A 119 -13.15 -3.90 3.98
C PHE A 119 -11.87 -3.63 4.77
N LEU A 120 -12.00 -2.85 5.83
CA LEU A 120 -10.86 -2.49 6.60
C LEU A 120 -10.21 -3.74 7.16
N LYS A 121 -10.99 -4.74 7.57
CA LYS A 121 -10.44 -5.93 8.18
C LYS A 121 -9.59 -6.70 7.23
N GLN A 122 -9.88 -6.63 5.95
CA GLN A 122 -9.01 -7.26 4.94
C GLN A 122 -7.67 -6.57 4.86
N ILE A 123 -7.66 -5.25 4.94
CA ILE A 123 -6.40 -4.49 4.95
C ILE A 123 -5.56 -4.96 6.19
N LEU A 124 -6.22 -5.00 7.35
CA LEU A 124 -5.58 -5.44 8.60
C LEU A 124 -4.93 -6.81 8.46
N ASN A 125 -5.68 -7.75 7.88
CA ASN A 125 -5.19 -9.11 7.69
CA ASN A 125 -5.24 -9.13 7.61
C ASN A 125 -4.00 -9.17 6.73
N GLY A 126 -3.98 -8.35 5.71
CA GLY A 126 -2.78 -8.25 4.87
C GLY A 126 -1.59 -7.65 5.59
N VAL A 127 -1.82 -6.60 6.34
CA VAL A 127 -0.74 -5.99 7.10
C VAL A 127 -0.23 -6.90 8.24
N TYR A 128 -1.14 -7.61 8.89
CA TYR A 128 -0.79 -8.59 9.92
C TYR A 128 0.15 -9.61 9.33
N TYR A 129 -0.13 -10.11 8.13
CA TYR A 129 0.81 -11.05 7.47
C TYR A 129 2.18 -10.41 7.28
N LEU A 130 2.21 -9.24 6.69
CA LEU A 130 3.51 -8.64 6.38
C LEU A 130 4.32 -8.37 7.62
N HIS A 131 3.69 -7.85 8.65
CA HIS A 131 4.40 -7.52 9.88
C HIS A 131 4.80 -8.76 10.60
N SER A 132 4.04 -9.86 10.38
CA SER A 132 4.41 -11.12 11.01
C SER A 132 5.71 -11.60 10.42
N LEU A 133 5.99 -11.23 9.19
CA LEU A 133 7.25 -11.59 8.57
C LEU A 133 8.26 -10.47 8.65
N GLN A 134 7.97 -9.46 9.49
CA GLN A 134 8.79 -8.27 9.70
C GLN A 134 9.02 -7.50 8.42
N ILE A 135 8.02 -7.34 7.58
CA ILE A 135 8.13 -6.49 6.40
C ILE A 135 7.30 -5.29 6.66
N ALA A 136 7.90 -4.10 6.52
CA ALA A 136 7.19 -2.82 6.55
C ALA A 136 6.90 -2.40 5.14
N HIS A 137 5.68 -1.99 4.84
CA HIS A 137 5.28 -1.68 3.47
C HIS A 137 5.80 -0.26 3.13
N PHE A 138 5.65 0.64 4.10
CA PHE A 138 6.13 2.00 4.03
C PHE A 138 5.46 2.87 2.96
N ASP A 139 4.38 2.44 2.35
CA ASP A 139 3.69 3.29 1.38
C ASP A 139 2.22 2.94 1.36
N LEU A 140 1.64 2.59 2.50
CA LEU A 140 0.22 2.30 2.52
C LEU A 140 -0.54 3.59 2.33
N LYS A 141 -1.45 3.57 1.38
CA LYS A 141 -2.30 4.72 1.06
C LYS A 141 -3.46 4.18 0.19
N PRO A 142 -4.55 4.94 0.09
CA PRO A 142 -5.75 4.41 -0.59
C PRO A 142 -5.53 3.94 -2.04
N GLU A 143 -4.68 4.62 -2.80
CA GLU A 143 -4.47 4.14 -4.16
C GLU A 143 -3.74 2.81 -4.27
N ASN A 144 -3.14 2.34 -3.16
CA ASN A 144 -2.45 1.04 -3.16
C ASN A 144 -3.30 -0.08 -2.57
N ILE A 145 -4.57 0.23 -2.32
CA ILE A 145 -5.54 -0.76 -1.94
C ILE A 145 -6.50 -1.05 -3.15
N MET A 146 -6.29 -2.17 -3.84
CA MET A 146 -7.01 -2.46 -5.07
C MET A 146 -7.99 -3.61 -4.83
N LEU A 147 -9.00 -3.76 -5.70
CA LEU A 147 -9.92 -4.88 -5.65
C LEU A 147 -9.66 -5.87 -6.77
N LEU A 148 -9.67 -7.16 -6.45
CA LEU A 148 -9.47 -8.20 -7.45
C LEU A 148 -10.55 -8.15 -8.53
N ASP A 149 -11.79 -8.07 -8.09
CA ASP A 149 -12.96 -8.10 -8.98
C ASP A 149 -14.10 -7.41 -8.23
N ARG A 150 -14.65 -6.36 -8.83
CA ARG A 150 -15.70 -5.56 -8.19
C ARG A 150 -17.12 -6.06 -8.46
N ASN A 151 -17.28 -7.16 -9.20
CA ASN A 151 -18.62 -7.64 -9.60
C ASN A 151 -18.86 -9.05 -9.02
N VAL A 152 -18.60 -9.19 -7.72
CA VAL A 152 -18.84 -10.41 -6.95
C VAL A 152 -19.53 -9.98 -5.68
N PRO A 153 -20.14 -10.95 -4.94
CA PRO A 153 -20.81 -10.61 -3.66
C PRO A 153 -19.93 -9.95 -2.60
N LYS A 154 -18.74 -10.52 -2.37
CA LYS A 154 -17.80 -10.06 -1.34
C LYS A 154 -16.44 -9.69 -1.98
N PRO A 155 -16.30 -8.47 -2.50
CA PRO A 155 -15.06 -8.15 -3.22
C PRO A 155 -13.76 -8.26 -2.36
N ARG A 156 -12.71 -8.79 -2.96
CA ARG A 156 -11.52 -9.12 -2.23
C ARG A 156 -10.48 -8.04 -2.47
N ILE A 157 -9.89 -7.50 -1.42
CA ILE A 157 -8.84 -6.47 -1.62
C ILE A 157 -7.44 -7.07 -1.71
N LYS A 158 -6.61 -6.41 -2.50
CA LYS A 158 -5.19 -6.73 -2.65
C LYS A 158 -4.33 -5.50 -2.43
N ILE A 159 -3.33 -5.62 -1.55
CA ILE A 159 -2.33 -4.58 -1.33
C ILE A 159 -1.24 -4.69 -2.37
N ILE A 160 -0.96 -3.57 -3.05
CA ILE A 160 0.03 -3.50 -4.11
C ILE A 160 1.12 -2.48 -3.78
N ASP A 161 2.12 -2.40 -4.65
CA ASP A 161 3.23 -1.42 -4.61
C ASP A 161 4.25 -1.52 -3.42
N PHE A 162 5.25 -2.37 -3.65
CA PHE A 162 6.23 -2.64 -2.65
C PHE A 162 7.53 -1.90 -2.91
N GLY A 163 7.41 -0.73 -3.54
CA GLY A 163 8.57 0.06 -3.95
C GLY A 163 9.36 0.67 -2.79
N LEU A 164 8.72 0.89 -1.64
CA LEU A 164 9.46 1.38 -0.46
C LEU A 164 9.54 0.30 0.65
N ALA A 165 8.98 -0.88 0.40
CA ALA A 165 8.98 -1.96 1.40
C ALA A 165 10.37 -2.33 1.80
N HIS A 166 10.55 -2.61 3.09
CA HIS A 166 11.82 -3.05 3.62
C HIS A 166 11.62 -4.11 4.71
N LYS A 167 12.55 -5.05 4.73
CA LYS A 167 12.75 -5.99 5.83
C LYS A 167 13.36 -5.29 7.01
N ILE A 168 12.69 -5.37 8.17
CA ILE A 168 13.25 -4.84 9.43
C ILE A 168 14.52 -5.56 9.88
N ASP A 169 15.57 -4.79 10.09
CA ASP A 169 16.87 -5.34 10.49
C ASP A 169 16.99 -5.00 11.94
N PHE A 170 17.04 -6.03 12.79
CA PHE A 170 17.11 -5.77 14.24
C PHE A 170 18.32 -4.92 14.64
N GLY A 171 19.48 -5.24 14.09
CA GLY A 171 20.71 -4.64 14.53
C GLY A 171 21.11 -3.30 13.88
N ASN A 172 20.20 -2.66 13.15
CA ASN A 172 20.51 -1.37 12.44
C ASN A 172 19.27 -0.51 12.21
N GLU A 173 19.34 0.73 12.65
CA GLU A 173 18.26 1.70 12.53
C GLU A 173 18.08 2.13 11.06
N PHE A 174 16.83 2.29 10.66
CA PHE A 174 16.51 2.71 9.31
C PHE A 174 15.87 4.11 9.38
N LYS A 175 16.39 5.00 8.52
CA LYS A 175 16.04 6.44 8.48
C LYS A 175 15.86 6.90 7.03
N ASN A 176 14.86 7.77 6.81
CA ASN A 176 14.28 8.12 5.49
C ASN A 176 13.72 7.00 4.61
N ILE A 177 12.49 7.23 4.16
CA ILE A 177 11.82 6.49 3.09
C ILE A 177 11.09 7.47 2.18
N PHE A 178 10.35 8.34 2.85
CA PHE A 178 9.60 9.42 2.28
C PHE A 178 8.71 9.11 1.07
N GLY A 179 7.45 8.88 1.38
CA GLY A 179 6.43 8.56 0.37
C GLY A 179 5.62 9.82 0.12
N THR A 180 4.31 9.77 0.32
CA THR A 180 3.47 10.95 0.08
C THR A 180 3.08 11.63 1.37
N PRO A 181 3.39 12.95 1.52
CA PRO A 181 3.17 13.74 2.70
C PRO A 181 1.91 13.47 3.47
N GLU A 182 0.79 13.47 2.79
CA GLU A 182 -0.53 13.30 3.40
C GLU A 182 -0.71 11.99 4.23
N PHE A 183 0.09 10.96 3.90
CA PHE A 183 -0.10 9.62 4.43
C PHE A 183 1.10 9.10 5.22
N VAL A 184 2.15 9.92 5.40
CA VAL A 184 3.36 9.47 6.06
C VAL A 184 3.29 9.84 7.56
N ALA A 185 3.88 8.97 8.39
CA ALA A 185 4.00 9.19 9.81
C ALA A 185 5.01 10.29 10.14
N PRO A 186 4.93 10.87 11.36
CA PRO A 186 5.85 11.88 11.81
C PRO A 186 7.30 11.51 11.77
N GLU A 187 7.62 10.24 12.03
CA GLU A 187 9.01 9.83 12.07
C GLU A 187 9.61 9.86 10.66
N ILE A 188 8.77 9.71 9.64
CA ILE A 188 9.21 9.87 8.25
C ILE A 188 9.45 11.35 7.98
N VAL A 189 8.52 12.21 8.42
CA VAL A 189 8.70 13.66 8.20
C VAL A 189 9.97 14.24 8.88
N ASN A 190 10.21 13.86 10.12
CA ASN A 190 11.38 14.32 10.87
C ASN A 190 12.65 13.50 10.79
N TYR A 191 12.73 12.51 9.89
CA TYR A 191 13.97 11.77 9.65
C TYR A 191 14.42 11.03 10.91
N GLU A 192 13.47 10.34 11.55
CA GLU A 192 13.71 9.64 12.80
C GLU A 192 13.64 8.14 12.50
N PRO A 193 14.01 7.28 13.46
CA PRO A 193 14.09 5.83 13.18
C PRO A 193 12.75 5.24 12.77
N LEU A 194 12.78 4.33 11.81
CA LEU A 194 11.55 3.85 11.19
C LEU A 194 11.44 2.37 11.43
N GLY A 195 10.21 1.92 11.62
CA GLY A 195 9.92 0.49 11.79
C GLY A 195 8.52 0.16 11.34
N LEU A 196 7.95 -0.94 11.85
CA LEU A 196 6.57 -1.40 11.55
C LEU A 196 5.54 -0.36 11.94
N GLU A 197 5.86 0.53 12.88
CA GLU A 197 4.85 1.47 13.42
C GLU A 197 4.37 2.49 12.41
N ALA A 198 5.16 2.76 11.39
CA ALA A 198 4.77 3.74 10.37
C ALA A 198 3.56 3.27 9.57
N ASP A 199 3.47 1.98 9.31
CA ASP A 199 2.32 1.43 8.62
C ASP A 199 1.06 1.53 9.47
N MET A 200 1.18 1.44 10.78
CA MET A 200 0.00 1.52 11.66
C MET A 200 -0.52 2.96 11.66
N TRP A 201 0.36 3.92 11.60
CA TRP A 201 -0.12 5.32 11.38
C TRP A 201 -0.90 5.44 10.09
N SER A 202 -0.32 4.94 8.98
CA SER A 202 -0.98 5.04 7.66
C SER A 202 -2.39 4.41 7.69
N ILE A 203 -2.53 3.30 8.41
CA ILE A 203 -3.84 2.62 8.50
C ILE A 203 -4.80 3.56 9.20
N GLY A 204 -4.31 4.32 10.17
CA GLY A 204 -5.12 5.31 10.81
C GLY A 204 -5.65 6.34 9.85
N VAL A 205 -4.79 6.81 8.94
CA VAL A 205 -5.19 7.83 7.98
C VAL A 205 -6.23 7.23 7.08
N ILE A 206 -5.96 6.01 6.61
CA ILE A 206 -6.85 5.34 5.68
C ILE A 206 -8.23 5.14 6.33
N THR A 207 -8.24 4.76 7.59
CA THR A 207 -9.48 4.58 8.28
C THR A 207 -10.25 5.89 8.41
N TYR A 208 -9.56 7.00 8.62
CA TYR A 208 -10.23 8.30 8.78
C TYR A 208 -10.91 8.72 7.49
N ILE A 209 -10.21 8.55 6.37
CA ILE A 209 -10.73 8.83 5.03
C ILE A 209 -11.89 7.87 4.68
N LEU A 210 -11.76 6.58 5.01
CA LEU A 210 -12.80 5.60 4.72
C LEU A 210 -14.11 6.03 5.31
N LEU A 211 -14.09 6.46 6.57
CA LEU A 211 -15.35 6.75 7.27
C LEU A 211 -15.93 8.10 6.97
N SER A 212 -15.08 9.05 6.54
CA SER A 212 -15.48 10.43 6.39
C SER A 212 -15.35 10.98 4.96
N GLY A 213 -14.47 10.39 4.13
CA GLY A 213 -14.13 10.97 2.82
C GLY A 213 -13.19 12.18 2.89
N ALA A 214 -12.93 12.70 4.08
CA ALA A 214 -12.02 13.84 4.27
C ALA A 214 -10.63 13.33 4.68
N SER A 215 -9.60 14.10 4.33
CA SER A 215 -8.21 13.75 4.74
C SER A 215 -7.82 14.47 6.05
N PRO A 216 -7.33 13.72 7.04
CA PRO A 216 -7.11 14.35 8.35
C PRO A 216 -6.01 15.45 8.40
N PHE A 217 -5.01 15.36 7.55
CA PHE A 217 -3.82 16.19 7.67
C PHE A 217 -3.53 17.02 6.41
N LEU A 218 -4.21 16.74 5.30
CA LEU A 218 -3.90 17.45 4.06
C LEU A 218 -4.14 18.97 4.22
N GLY A 219 -3.11 19.79 4.00
CA GLY A 219 -3.26 21.25 4.01
C GLY A 219 -3.15 21.82 2.60
N ASP A 220 -2.91 23.14 2.51
CA ASP A 220 -3.02 23.92 1.29
C ASP A 220 -1.70 23.91 0.49
N THR A 221 -0.57 23.76 1.17
CA THR A 221 0.72 23.48 0.54
C THR A 221 1.28 22.17 1.10
N LYS A 222 2.37 21.70 0.52
CA LYS A 222 3.05 20.46 0.98
C LYS A 222 3.69 20.70 2.32
N GLN A 223 4.18 21.91 2.52
CA GLN A 223 4.83 22.21 3.81
C GLN A 223 3.83 22.28 4.99
N GLU A 224 2.60 22.64 4.71
CA GLU A 224 1.61 22.77 5.75
C GLU A 224 1.10 21.36 6.16
N THR A 225 0.91 20.50 5.16
CA THR A 225 0.59 19.11 5.38
C THR A 225 1.68 18.47 6.27
N LEU A 226 2.94 18.66 5.91
CA LEU A 226 4.05 18.16 6.69
C LEU A 226 3.98 18.63 8.13
N ALA A 227 3.62 19.89 8.36
CA ALA A 227 3.55 20.45 9.73
C ALA A 227 2.32 19.97 10.50
N ASN A 228 1.23 19.74 9.78
CA ASN A 228 0.06 19.11 10.41
C ASN A 228 0.37 17.72 10.93
N VAL A 229 1.01 16.89 10.11
CA VAL A 229 1.47 15.55 10.48
C VAL A 229 2.42 15.55 11.69
N SER A 230 3.49 16.33 11.58
CA SER A 230 4.48 16.48 12.64
C SER A 230 3.87 16.88 13.96
N ALA A 231 2.90 17.77 13.91
CA ALA A 231 2.24 18.28 15.13
C ALA A 231 0.99 17.48 15.58
N VAL A 232 0.59 16.49 14.78
CA VAL A 232 -0.66 15.74 14.99
C VAL A 232 -1.88 16.64 15.14
N ASN A 233 -1.93 17.62 14.25
CA ASN A 233 -3.03 18.58 14.13
C ASN A 233 -4.11 17.90 13.30
N TYR A 234 -5.01 17.17 13.95
CA TYR A 234 -6.26 16.73 13.29
C TYR A 234 -7.46 16.90 14.24
N GLU A 235 -8.65 16.83 13.65
CA GLU A 235 -9.86 16.85 14.45
C GLU A 235 -10.96 16.02 13.81
N PHE A 236 -11.88 15.53 14.61
CA PHE A 236 -13.11 14.91 14.11
C PHE A 236 -14.23 15.95 14.01
N GLU A 237 -14.27 16.68 12.90
CA GLU A 237 -15.25 17.76 12.74
C GLU A 237 -16.62 17.17 12.53
N ASP A 238 -17.62 17.67 13.26
CA ASP A 238 -19.02 17.19 13.17
C ASP A 238 -19.61 17.12 11.76
N GLU A 239 -19.23 18.05 10.90
CA GLU A 239 -19.65 17.99 9.51
C GLU A 239 -19.43 16.58 8.94
N TYR A 240 -18.27 16.02 9.22
CA TYR A 240 -17.88 14.77 8.62
C TYR A 240 -18.11 13.57 9.52
N PHE A 241 -18.15 13.79 10.83
CA PHE A 241 -18.12 12.69 11.80
C PHE A 241 -19.33 12.58 12.71
N SER A 242 -20.45 13.17 12.34
CA SER A 242 -21.59 13.22 13.28
C SER A 242 -22.26 11.87 13.41
N ASN A 243 -22.23 11.04 12.37
CA ASN A 243 -22.74 9.66 12.42
C ASN A 243 -21.68 8.57 12.74
N THR A 244 -20.54 8.94 13.32
CA THR A 244 -19.45 7.97 13.54
C THR A 244 -19.36 7.54 14.99
N SER A 245 -19.31 6.24 15.24
CA SER A 245 -19.26 5.73 16.62
C SER A 245 -18.02 6.16 17.42
N ALA A 246 -18.20 6.24 18.72
CA ALA A 246 -17.14 6.44 19.70
C ALA A 246 -16.01 5.42 19.56
N LEU A 247 -16.36 4.16 19.30
CA LEU A 247 -15.36 3.10 19.10
C LEU A 247 -14.49 3.33 17.84
N ALA A 248 -15.12 3.67 16.74
CA ALA A 248 -14.41 4.00 15.50
C ALA A 248 -13.41 5.13 15.74
N LYS A 249 -13.86 6.19 16.43
CA LYS A 249 -12.98 7.30 16.77
C LYS A 249 -11.84 6.88 17.69
N ASP A 250 -12.11 5.96 18.60
CA ASP A 250 -11.08 5.51 19.55
C ASP A 250 -9.99 4.73 18.81
N PHE A 251 -10.39 3.98 17.79
CA PHE A 251 -9.47 3.21 16.96
C PHE A 251 -8.53 4.15 16.24
N ILE A 252 -9.07 5.18 15.62
CA ILE A 252 -8.26 6.21 14.91
C ILE A 252 -7.29 6.89 15.89
N ARG A 253 -7.81 7.40 17.01
CA ARG A 253 -6.96 8.03 18.04
C ARG A 253 -5.74 7.18 18.52
N ARG A 254 -5.96 5.89 18.67
CA ARG A 254 -4.92 4.99 19.12
C ARG A 254 -3.85 4.68 18.05
N LEU A 255 -4.16 5.01 16.79
CA LEU A 255 -3.22 4.87 15.70
C LEU A 255 -2.51 6.17 15.36
N LEU A 256 -3.22 7.31 15.47
CA LEU A 256 -2.65 8.58 15.09
C LEU A 256 -1.94 9.20 16.33
N VAL A 257 -0.84 8.55 16.70
CA VAL A 257 -0.06 8.88 17.89
C VAL A 257 1.37 9.21 17.47
N LYS A 258 1.86 10.37 17.87
CA LYS A 258 3.22 10.80 17.54
C LYS A 258 4.29 9.81 17.91
N ASP A 259 4.31 9.41 19.17
CA ASP A 259 5.30 8.46 19.65
C ASP A 259 4.93 7.07 19.14
N PRO A 260 5.76 6.49 18.24
CA PRO A 260 5.51 5.17 17.61
C PRO A 260 5.33 4.07 18.63
N LYS A 261 6.11 4.15 19.70
CA LYS A 261 6.07 3.13 20.74
C LYS A 261 4.78 3.14 21.56
N LYS A 262 3.98 4.21 21.45
CA LYS A 262 2.63 4.28 22.06
C LYS A 262 1.52 3.93 21.08
N ARG A 263 1.88 3.81 19.80
CA ARG A 263 0.88 3.47 18.75
C ARG A 263 0.44 2.02 18.90
N MET A 264 -0.85 1.74 18.69
CA MET A 264 -1.28 0.36 18.55
C MET A 264 -0.47 -0.38 17.49
N THR A 265 -0.20 -1.66 17.76
CA THR A 265 0.46 -2.58 16.82
C THR A 265 -0.67 -3.25 16.03
N ILE A 266 -0.32 -3.99 14.98
CA ILE A 266 -1.28 -4.66 14.16
C ILE A 266 -2.01 -5.73 14.96
N GLN A 267 -1.31 -6.46 15.82
CA GLN A 267 -2.00 -7.44 16.70
C GLN A 267 -3.00 -6.77 17.70
N ASP A 268 -2.65 -5.63 18.26
CA ASP A 268 -3.58 -4.86 19.09
C ASP A 268 -4.77 -4.46 18.28
N SER A 269 -4.54 -3.99 17.05
CA SER A 269 -5.61 -3.44 16.23
C SER A 269 -6.67 -4.48 15.91
N LEU A 270 -6.24 -5.73 15.69
CA LEU A 270 -7.14 -6.86 15.43
C LEU A 270 -8.03 -7.28 16.63
N GLN A 271 -7.65 -6.88 17.84
CA GLN A 271 -8.38 -7.18 19.04
C GLN A 271 -9.21 -5.96 19.52
N HIS A 272 -9.01 -4.79 18.97
CA HIS A 272 -9.79 -3.63 19.39
C HIS A 272 -11.29 -3.92 19.23
N PRO A 273 -12.10 -3.51 20.22
CA PRO A 273 -13.55 -3.77 20.23
C PRO A 273 -14.35 -3.22 19.02
N TRP A 274 -13.84 -2.23 18.29
CA TRP A 274 -14.47 -1.83 17.06
C TRP A 274 -14.37 -2.96 16.06
N ILE A 275 -13.23 -3.66 16.00
CA ILE A 275 -12.95 -4.68 14.98
C ILE A 275 -13.40 -6.08 15.43
N LYS A 276 -13.26 -6.34 16.73
CA LYS A 276 -13.69 -7.57 17.36
C LYS A 276 -14.63 -7.24 18.52
N PRO A 277 -15.93 -7.10 18.24
CA PRO A 277 -16.84 -6.80 19.35
C PRO A 277 -16.82 -7.95 20.41
N LYS A 278 -16.74 -7.57 21.69
CA LYS A 278 -16.61 -8.50 22.83
C LYS A 278 -17.92 -9.18 23.26
C OSV B . 1.28 1.76 -12.96
N OSV B . 0.19 1.64 -12.61
S OSV B . 2.94 1.97 -13.46
RU OSV B . -1.01 1.57 -10.94
C6 OSV B . -0.45 2.98 -8.29
C7 OSV B . -1.87 2.42 -8.16
C8 OSV B . -3.70 2.14 -9.91
C9 OSV B . -3.46 3.35 -10.86
C10 OSV B . -1.28 4.49 -11.76
C11 OSV B . -0.47 4.53 -10.46
S16 OSV B . -0.10 3.00 -9.93
S17 OSV B . -2.24 1.44 -9.46
S18 OSV B . -2.09 3.06 -11.78
CAA OSV B . 5.27 -4.04 -8.42
CAB OSV B . 3.01 -4.79 -7.13
OAC OSV B . -3.37 -5.28 -12.09
OAD OSV B . 0.28 -5.54 -9.52
F1 OSV B . -5.23 -0.96 -13.80
CAF OSV B . 3.00 -0.58 -8.22
CAG OSV B . 2.01 0.06 -8.93
CAH OSV B . -3.46 0.18 -12.73
CAI OSV B . -3.62 -2.26 -12.57
CAJ OSV B . 1.94 -2.72 -8.72
NAK OSV B . -2.29 0.10 -11.88
NAL OSV B . -1.59 -5.74 -10.79
NAM OSV B . 0.04 -0.24 -10.23
OAN OSV B . 4.05 -2.48 -7.41
CAO OSV B . -4.12 -1.01 -13.04
CAP OSV B . 3.00 -1.95 -8.15
CAQ OSV B . -2.38 -4.91 -11.46
CAR OSV B . -0.61 -5.01 -10.21
CAS OSV B . 1.03 -0.68 -9.53
CAT OSV B . 0.96 -2.09 -9.44
CAU OSV B . -2.46 -2.34 -11.79
CAV OSV B . -1.81 -1.16 -11.47
CAW OSV B . -0.69 -1.24 -10.66
CAX OSV B . -1.94 -3.56 -11.32
CAY OSV B . -0.78 -3.64 -10.51
CAZ OSV B . -0.17 -2.47 -10.17
CBA OSV B . 4.30 -3.94 -7.24
#